data_6YPD
#
_entry.id   6YPD
#
_cell.length_a   138.971
_cell.length_b   138.971
_cell.length_c   138.971
_cell.angle_alpha   90.000
_cell.angle_beta   90.000
_cell.angle_gamma   90.000
#
_symmetry.space_group_name_H-M   'P 43 3 2'
#
loop_
_entity.id
_entity.type
_entity.pdbx_description
1 polymer Beta-lactamase
2 non-polymer '(3~{S})-2,2-bis(oxidanyl)-3-(phenylmethylsulfanyl)-3,4-dihydro-1,2-benzoxaborinin-2-ium-8-carboxylic acid'
3 non-polymer DI(HYDROXYETHYL)ETHER
4 non-polymer 'DIMETHYL SULFOXIDE'
5 non-polymer 1,2-ETHANEDIOL
6 non-polymer 'CHLORIDE ION'
7 non-polymer 'ZINC ION'
8 water water
#
_entity_poly.entity_id   1
_entity_poly.type   'polypeptide(L)'
_entity_poly.pdbx_seq_one_letter_code
;APQQINDIVHRTITPLIEQQKIPGMAVAVIYQGKPYYFTWGYADIAKKQPVTQQTLFELGSVSKTFTGVLGGDAIARGEI
KLSDPTTKYWPELTAKQWNGITLLHLATYTAGGLPLQVPDEVKSSSDLLRFYQNWQPAWAPGTQRLYANSSIGLFGALAV
KPSGLSFEQAMQTRVFQPLKLNHTWINVPPAEEKNYAWGYREGKAVHVSPGALDAEAYGVKSTIEDMARWVQSNLKPLDI
NEKTLQQGIQLAQSRYWQTGDMYQGLGWEMLDWPVNPDSIINGSDNKIALAARPVKAITPPTPAVRASWVHKTGATGGFG
SYVAFIPEKELGIVMLANKNYPNPARVDAAWQILNALQ
;
_entity_poly.pdbx_strand_id   A
#
loop_
_chem_comp.id
_chem_comp.type
_chem_comp.name
_chem_comp.formula
CL non-polymer 'CHLORIDE ION' 'Cl -1'
DMS non-polymer 'DIMETHYL SULFOXIDE' 'C2 H6 O S'
EDO non-polymer 1,2-ETHANEDIOL 'C2 H6 O2'
KL8 non-polymer '(3~{S})-2,2-bis(oxidanyl)-3-(phenylmethylsulfanyl)-3,4-dihydro-1,2-benzoxaborinin-2-ium-8-carboxylic acid' 'C16 H16 B O5 S -1'
PEG non-polymer DI(HYDROXYETHYL)ETHER 'C4 H10 O3'
ZN non-polymer 'ZINC ION' 'Zn 2'
#
# COMPACT_ATOMS: atom_id res chain seq x y z
N ALA A 1 -10.85 -10.13 23.10
CA ALA A 1 -9.40 -9.99 22.93
C ALA A 1 -8.71 -10.02 24.29
N PRO A 2 -7.44 -10.43 24.32
CA PRO A 2 -6.66 -10.34 25.56
C PRO A 2 -6.69 -8.95 26.16
N GLN A 3 -6.65 -8.90 27.50
CA GLN A 3 -6.76 -7.63 28.21
C GLN A 3 -5.66 -6.66 27.76
N GLN A 4 -4.43 -7.16 27.60
CA GLN A 4 -3.33 -6.26 27.23
C GLN A 4 -3.60 -5.56 25.89
N ILE A 5 -4.22 -6.26 24.94
CA ILE A 5 -4.54 -5.63 23.65
C ILE A 5 -5.64 -4.59 23.83
N ASN A 6 -6.73 -4.94 24.51
CA ASN A 6 -7.81 -3.96 24.75
C ASN A 6 -7.28 -2.70 25.41
N ASP A 7 -6.42 -2.86 26.42
N ASP A 7 -6.39 -2.85 26.38
CA ASP A 7 -5.92 -1.69 27.15
CA ASP A 7 -5.93 -1.69 27.14
C ASP A 7 -5.08 -0.77 26.26
C ASP A 7 -5.06 -0.77 26.29
N ILE A 8 -4.08 -1.33 25.57
CA ILE A 8 -3.20 -0.49 24.78
C ILE A 8 -3.98 0.15 23.64
N VAL A 9 -4.95 -0.56 23.05
CA VAL A 9 -5.70 0.01 21.94
C VAL A 9 -6.53 1.19 22.45
N HIS A 10 -7.23 1.01 23.58
CA HIS A 10 -8.00 2.13 24.08
C HIS A 10 -7.10 3.33 24.37
N ARG A 11 -6.00 3.10 25.07
N ARG A 11 -6.00 3.11 25.09
CA ARG A 11 -5.13 4.18 25.53
CA ARG A 11 -5.12 4.19 25.52
C ARG A 11 -4.37 4.86 24.39
C ARG A 11 -4.41 4.89 24.37
N THR A 12 -4.26 4.22 23.23
CA THR A 12 -3.55 4.76 22.08
C THR A 12 -4.52 5.33 21.06
N ILE A 13 -5.53 4.57 20.66
CA ILE A 13 -6.36 5.02 19.55
C ILE A 13 -7.48 5.98 20.00
N THR A 14 -8.13 5.79 21.17
CA THR A 14 -9.18 6.74 21.53
C THR A 14 -8.59 8.14 21.64
N PRO A 15 -7.44 8.36 22.28
CA PRO A 15 -6.86 9.71 22.26
C PRO A 15 -6.43 10.20 20.89
N LEU A 16 -5.93 9.30 20.03
CA LEU A 16 -5.61 9.71 18.67
C LEU A 16 -6.84 10.27 17.99
N ILE A 17 -7.98 9.59 18.15
CA ILE A 17 -9.24 10.04 17.57
C ILE A 17 -9.63 11.38 18.17
N GLU A 18 -9.49 11.54 19.51
CA GLU A 18 -9.73 12.82 20.16
C GLU A 18 -8.83 13.91 19.58
N GLN A 19 -7.55 13.61 19.40
CA GLN A 19 -6.59 14.63 19.00
C GLN A 19 -6.77 15.04 17.53
N GLN A 20 -7.11 14.07 16.67
CA GLN A 20 -7.16 14.29 15.23
C GLN A 20 -8.55 14.53 14.67
N LYS A 21 -9.57 14.45 15.51
CA LYS A 21 -10.97 14.69 15.11
C LYS A 21 -11.41 13.73 13.99
N ILE A 22 -11.09 12.45 14.15
CA ILE A 22 -11.42 11.41 13.18
C ILE A 22 -12.88 10.97 13.37
N PRO A 23 -13.72 11.08 12.33
CA PRO A 23 -15.13 10.73 12.52
C PRO A 23 -15.36 9.24 12.68
N GLY A 24 -14.61 8.39 11.98
CA GLY A 24 -14.79 6.95 12.07
C GLY A 24 -13.48 6.22 11.85
N MET A 25 -13.29 5.11 12.55
CA MET A 25 -12.03 4.39 12.49
C MET A 25 -12.23 2.90 12.74
N ALA A 26 -11.44 2.11 12.03
CA ALA A 26 -11.41 0.68 12.27
C ALA A 26 -9.97 0.25 12.42
N VAL A 27 -9.69 -0.61 13.40
CA VAL A 27 -8.35 -1.09 13.69
C VAL A 27 -8.40 -2.60 13.81
N ALA A 28 -7.40 -3.28 13.22
CA ALA A 28 -7.16 -4.71 13.49
C ALA A 28 -5.77 -4.86 14.06
N VAL A 29 -5.66 -5.53 15.19
CA VAL A 29 -4.37 -5.89 15.76
C VAL A 29 -4.19 -7.36 15.51
N ILE A 30 -3.15 -7.73 14.78
CA ILE A 30 -2.79 -9.12 14.57
C ILE A 30 -1.76 -9.50 15.62
N TYR A 31 -2.11 -10.44 16.49
CA TYR A 31 -1.28 -10.83 17.61
C TYR A 31 -1.18 -12.34 17.58
N GLN A 32 0.06 -12.85 17.57
CA GLN A 32 0.28 -14.28 17.43
C GLN A 32 -0.53 -14.82 16.24
N GLY A 33 -0.55 -14.05 15.16
CA GLY A 33 -1.17 -14.44 13.94
C GLY A 33 -2.66 -14.28 13.84
N LYS A 34 -3.33 -13.87 14.91
CA LYS A 34 -4.78 -13.78 14.96
C LYS A 34 -5.24 -12.33 15.03
N PRO A 35 -6.26 -11.93 14.26
CA PRO A 35 -6.75 -10.57 14.31
C PRO A 35 -7.79 -10.33 15.40
N TYR A 36 -7.66 -9.15 16.01
CA TYR A 36 -8.60 -8.59 16.99
C TYR A 36 -9.06 -7.24 16.49
N TYR A 37 -10.37 -7.05 16.44
CA TYR A 37 -10.97 -5.91 15.76
C TYR A 37 -11.55 -4.90 16.74
N PHE A 38 -11.47 -3.62 16.34
CA PHE A 38 -11.94 -2.45 17.07
C PHE A 38 -12.52 -1.45 16.11
N THR A 39 -13.64 -0.83 16.48
CA THR A 39 -14.23 0.22 15.67
C THR A 39 -14.67 1.38 16.55
N TRP A 40 -14.71 2.55 15.93
CA TRP A 40 -15.14 3.79 16.57
C TRP A 40 -15.94 4.64 15.57
N GLY A 41 -16.96 5.35 16.04
CA GLY A 41 -17.50 6.44 15.27
C GLY A 41 -18.37 6.00 14.11
N TYR A 42 -18.39 6.86 13.08
CA TYR A 42 -19.38 6.81 12.01
C TYR A 42 -18.74 6.71 10.65
N ALA A 43 -19.31 5.81 9.83
CA ALA A 43 -19.00 5.76 8.43
C ALA A 43 -19.66 6.89 7.64
N ASP A 44 -20.88 7.25 8.03
CA ASP A 44 -21.64 8.37 7.48
C ASP A 44 -22.17 9.18 8.65
N ILE A 45 -21.61 10.38 8.83
CA ILE A 45 -21.99 11.20 9.99
C ILE A 45 -23.47 11.57 9.93
N ALA A 46 -23.94 12.11 8.79
CA ALA A 46 -25.29 12.64 8.75
C ALA A 46 -26.34 11.54 8.90
N LYS A 47 -26.08 10.36 8.35
N LYS A 47 -26.08 10.36 8.35
CA LYS A 47 -26.99 9.24 8.51
CA LYS A 47 -26.99 9.24 8.51
C LYS A 47 -26.79 8.50 9.84
C LYS A 47 -26.80 8.50 9.84
N LYS A 48 -25.78 8.87 10.61
CA LYS A 48 -25.45 8.21 11.88
C LYS A 48 -25.23 6.72 11.69
N GLN A 49 -24.55 6.35 10.60
CA GLN A 49 -24.26 4.96 10.32
C GLN A 49 -22.92 4.60 10.95
N PRO A 50 -22.88 3.67 11.90
CA PRO A 50 -21.61 3.39 12.59
C PRO A 50 -20.62 2.68 11.68
N VAL A 51 -19.35 2.86 12.01
CA VAL A 51 -18.29 2.00 11.47
C VAL A 51 -18.49 0.60 12.00
N THR A 52 -18.45 -0.40 11.10
CA THR A 52 -18.51 -1.80 11.46
C THR A 52 -17.34 -2.55 10.83
N GLN A 53 -17.28 -3.86 11.10
CA GLN A 53 -16.20 -4.64 10.50
C GLN A 53 -16.44 -4.89 9.02
N GLN A 54 -17.61 -4.49 8.49
CA GLN A 54 -17.92 -4.58 7.07
C GLN A 54 -17.81 -3.22 6.34
N THR A 55 -17.46 -2.15 7.05
CA THR A 55 -17.33 -0.84 6.43
C THR A 55 -16.14 -0.80 5.47
N LEU A 56 -16.39 -0.31 4.26
CA LEU A 56 -15.34 -0.11 3.28
C LEU A 56 -14.67 1.24 3.46
N PHE A 57 -13.35 1.26 3.41
CA PHE A 57 -12.55 2.48 3.49
C PHE A 57 -11.69 2.58 2.23
N GLU A 58 -11.41 3.81 1.80
CA GLU A 58 -10.45 4.03 0.73
C GLU A 58 -9.03 3.82 1.28
N LEU A 59 -8.27 2.90 0.68
CA LEU A 59 -6.92 2.57 1.14
C LEU A 59 -5.89 3.57 0.61
N GLY A 60 -6.23 4.37 -0.39
CA GLY A 60 -5.23 5.23 -1.01
C GLY A 60 -4.03 4.41 -1.40
N SER A 61 -2.84 4.92 -1.12
CA SER A 61 -1.62 4.27 -1.60
C SER A 61 -1.29 2.91 -0.95
N VAL A 62 -2.03 2.47 0.09
CA VAL A 62 -1.86 1.09 0.53
C VAL A 62 -2.24 0.16 -0.66
N SER A 63 -3.01 0.70 -1.62
CA SER A 63 -3.28 -0.05 -2.85
C SER A 63 -2.01 -0.53 -3.54
N LYS A 64 -0.92 0.23 -3.37
CA LYS A 64 0.34 -0.09 -4.04
C LYS A 64 0.88 -1.44 -3.58
N THR A 65 0.56 -1.88 -2.35
CA THR A 65 1.03 -3.18 -1.88
C THR A 65 0.36 -4.30 -2.68
N PHE A 66 -0.92 -4.14 -3.01
CA PHE A 66 -1.59 -5.08 -3.90
C PHE A 66 -0.95 -5.09 -5.29
N THR A 67 -0.68 -3.89 -5.83
CA THR A 67 -0.01 -3.81 -7.13
C THR A 67 1.35 -4.49 -7.10
N GLY A 68 2.12 -4.27 -6.04
CA GLY A 68 3.44 -4.88 -5.97
C GLY A 68 3.37 -6.39 -5.93
N VAL A 69 2.44 -6.93 -5.13
CA VAL A 69 2.28 -8.39 -5.04
C VAL A 69 1.77 -8.96 -6.37
N LEU A 70 0.85 -8.24 -7.05
CA LEU A 70 0.40 -8.73 -8.35
C LEU A 70 1.56 -8.75 -9.33
N GLY A 71 2.43 -7.75 -9.28
CA GLY A 71 3.64 -7.80 -10.09
C GLY A 71 4.54 -8.96 -9.74
N GLY A 72 4.75 -9.18 -8.45
CA GLY A 72 5.53 -10.33 -8.02
C GLY A 72 4.97 -11.65 -8.50
N ASP A 73 3.64 -11.78 -8.47
CA ASP A 73 2.99 -12.96 -9.01
C ASP A 73 3.27 -13.13 -10.51
N ALA A 74 3.28 -12.03 -11.24
CA ALA A 74 3.62 -12.10 -12.65
C ALA A 74 5.08 -12.53 -12.87
N ILE A 75 5.98 -12.07 -11.99
CA ILE A 75 7.37 -12.51 -12.09
C ILE A 75 7.46 -14.01 -11.90
N ALA A 76 6.76 -14.52 -10.88
CA ALA A 76 6.80 -15.95 -10.56
C ALA A 76 6.14 -16.82 -11.61
N ARG A 77 5.24 -16.27 -12.42
CA ARG A 77 4.70 -16.92 -13.58
C ARG A 77 5.63 -16.87 -14.78
N GLY A 78 6.74 -16.15 -14.68
CA GLY A 78 7.61 -15.96 -15.83
C GLY A 78 7.03 -15.05 -16.90
N GLU A 79 5.97 -14.32 -16.59
CA GLU A 79 5.35 -13.43 -17.56
C GLU A 79 6.14 -12.16 -17.78
N ILE A 80 6.83 -11.68 -16.74
CA ILE A 80 7.66 -10.48 -16.81
C ILE A 80 8.95 -10.71 -16.06
N LYS A 81 9.94 -9.88 -16.34
CA LYS A 81 11.17 -9.77 -15.55
C LYS A 81 11.35 -8.31 -15.20
N LEU A 82 11.82 -8.04 -13.98
CA LEU A 82 12.02 -6.65 -13.57
C LEU A 82 13.10 -5.96 -14.40
N SER A 83 14.02 -6.72 -15.01
CA SER A 83 15.00 -6.12 -15.90
C SER A 83 14.46 -5.79 -17.29
N ASP A 84 13.22 -6.14 -17.60
CA ASP A 84 12.69 -5.89 -18.93
C ASP A 84 12.59 -4.38 -19.18
N PRO A 85 12.87 -3.92 -20.38
CA PRO A 85 12.63 -2.51 -20.69
C PRO A 85 11.15 -2.20 -20.72
N THR A 86 10.81 -0.98 -20.28
CA THR A 86 9.45 -0.50 -20.42
C THR A 86 8.93 -0.66 -21.84
N THR A 87 9.76 -0.35 -22.82
CA THR A 87 9.34 -0.39 -24.23
C THR A 87 8.97 -1.79 -24.69
N LYS A 88 9.41 -2.84 -23.98
CA LYS A 88 8.96 -4.18 -24.35
C LYS A 88 7.45 -4.29 -24.26
N TYR A 89 6.83 -3.61 -23.30
CA TYR A 89 5.41 -3.68 -23.05
C TYR A 89 4.63 -2.49 -23.61
N TRP A 90 5.31 -1.43 -24.01
CA TRP A 90 4.69 -0.25 -24.61
C TRP A 90 5.60 0.25 -25.72
N PRO A 91 5.61 -0.43 -26.87
CA PRO A 91 6.52 -0.04 -27.96
C PRO A 91 6.35 1.40 -28.41
N GLU A 92 5.16 1.98 -28.23
CA GLU A 92 4.89 3.34 -28.68
C GLU A 92 5.68 4.39 -27.92
N LEU A 93 6.24 4.04 -26.76
N LEU A 93 6.24 4.04 -26.76
CA LEU A 93 7.11 4.96 -26.01
CA LEU A 93 7.11 4.96 -26.01
C LEU A 93 8.47 4.98 -26.72
C LEU A 93 8.47 4.98 -26.72
N THR A 94 8.51 5.72 -27.82
CA THR A 94 9.71 5.80 -28.64
C THR A 94 10.67 6.89 -28.20
N ALA A 95 10.24 7.83 -27.35
CA ALA A 95 11.12 8.92 -26.94
C ALA A 95 12.39 8.36 -26.31
N LYS A 96 13.52 8.99 -26.62
CA LYS A 96 14.83 8.45 -26.27
C LYS A 96 15.06 8.37 -24.77
N GLN A 97 14.36 9.19 -23.96
CA GLN A 97 14.60 9.16 -22.53
C GLN A 97 14.17 7.84 -21.89
N TRP A 98 13.36 7.05 -22.60
CA TRP A 98 12.89 5.78 -22.06
C TRP A 98 13.88 4.64 -22.28
N ASN A 99 14.89 4.84 -23.12
CA ASN A 99 15.97 3.87 -23.22
C ASN A 99 16.63 3.70 -21.86
N GLY A 100 16.67 2.46 -21.39
CA GLY A 100 17.29 2.16 -20.13
C GLY A 100 16.36 2.15 -18.92
N ILE A 101 15.11 2.53 -19.08
CA ILE A 101 14.16 2.53 -17.97
C ILE A 101 13.43 1.20 -17.95
N THR A 102 13.60 0.43 -16.88
CA THR A 102 13.09 -0.91 -16.76
C THR A 102 11.83 -0.97 -15.90
N LEU A 103 11.22 -2.16 -15.87
CA LEU A 103 10.09 -2.34 -14.96
C LEU A 103 10.51 -2.16 -13.52
N LEU A 104 11.73 -2.58 -13.17
CA LEU A 104 12.25 -2.35 -11.83
C LEU A 104 12.17 -0.87 -11.46
N HIS A 105 12.69 0.00 -12.34
CA HIS A 105 12.65 1.43 -12.05
C HIS A 105 11.22 1.92 -11.84
N LEU A 106 10.30 1.51 -12.70
CA LEU A 106 8.92 1.93 -12.56
C LEU A 106 8.35 1.46 -11.22
N ALA A 107 8.61 0.21 -10.87
CA ALA A 107 8.03 -0.36 -9.66
C ALA A 107 8.55 0.31 -8.39
N THR A 108 9.79 0.80 -8.41
CA THR A 108 10.45 1.27 -7.20
C THR A 108 10.70 2.77 -7.18
N TYR A 109 10.09 3.51 -8.10
CA TYR A 109 10.13 4.97 -8.14
C TYR A 109 11.53 5.49 -8.49
N THR A 110 12.31 4.72 -9.25
CA THR A 110 13.69 5.11 -9.54
C THR A 110 13.96 5.34 -11.02
N ALA A 111 12.92 5.65 -11.80
CA ALA A 111 13.09 5.90 -13.24
C ALA A 111 13.78 7.22 -13.55
N GLY A 112 13.80 8.15 -12.61
CA GLY A 112 14.51 9.40 -12.78
C GLY A 112 13.66 10.64 -12.66
N GLY A 113 12.66 10.60 -11.81
CA GLY A 113 11.84 11.74 -11.54
C GLY A 113 10.46 11.75 -12.15
N LEU A 114 9.88 10.61 -12.47
CA LEU A 114 8.47 10.57 -12.81
C LEU A 114 7.66 11.24 -11.70
N PRO A 115 6.66 12.06 -12.03
CA PRO A 115 6.03 12.91 -11.01
C PRO A 115 5.04 12.19 -10.12
N LEU A 116 4.81 12.81 -8.94
CA LEU A 116 3.96 12.20 -7.92
C LEU A 116 2.59 11.85 -8.47
N GLN A 117 2.00 12.75 -9.26
CA GLN A 117 0.67 12.56 -9.81
C GLN A 117 0.73 12.49 -11.33
N VAL A 118 -0.10 11.64 -11.92
CA VAL A 118 -0.44 11.81 -13.33
C VAL A 118 -1.33 13.05 -13.45
N PRO A 119 -1.03 14.01 -14.33
CA PRO A 119 -1.83 15.23 -14.38
C PRO A 119 -3.30 14.94 -14.60
N ASP A 120 -4.16 15.78 -13.99
CA ASP A 120 -5.59 15.55 -14.07
C ASP A 120 -6.13 15.71 -15.48
N GLU A 121 -5.41 16.41 -16.35
CA GLU A 121 -5.88 16.60 -17.73
C GLU A 121 -5.83 15.30 -18.53
N VAL A 122 -5.04 14.33 -18.08
CA VAL A 122 -4.93 13.04 -18.77
C VAL A 122 -6.24 12.28 -18.57
N LYS A 123 -7.06 12.22 -19.61
CA LYS A 123 -8.33 11.51 -19.56
C LYS A 123 -8.45 10.40 -20.59
N SER A 124 -7.54 10.31 -21.56
CA SER A 124 -7.64 9.34 -22.64
C SER A 124 -6.34 8.56 -22.78
N SER A 125 -6.40 7.48 -23.56
CA SER A 125 -5.21 6.68 -23.80
C SER A 125 -4.14 7.49 -24.50
N SER A 126 -4.54 8.32 -25.47
CA SER A 126 -3.57 9.14 -26.20
C SER A 126 -3.02 10.25 -25.31
N ASP A 127 -3.85 10.79 -24.42
CA ASP A 127 -3.33 11.76 -23.44
C ASP A 127 -2.23 11.13 -22.61
N LEU A 128 -2.40 9.87 -22.23
CA LEU A 128 -1.42 9.23 -21.35
C LEU A 128 -0.11 8.97 -22.09
N LEU A 129 -0.19 8.56 -23.35
CA LEU A 129 1.02 8.36 -24.15
C LEU A 129 1.77 9.67 -24.31
N ARG A 130 1.05 10.74 -24.61
CA ARG A 130 1.65 12.06 -24.77
C ARG A 130 2.37 12.48 -23.49
N PHE A 131 1.74 12.25 -22.34
CA PHE A 131 2.36 12.60 -21.06
C PHE A 131 3.70 11.90 -20.89
N TYR A 132 3.74 10.58 -21.06
CA TYR A 132 4.99 9.86 -20.86
C TYR A 132 6.01 10.15 -21.96
N GLN A 133 5.54 10.38 -23.19
CA GLN A 133 6.46 10.68 -24.29
C GLN A 133 7.17 12.01 -24.10
N ASN A 134 6.53 12.96 -23.45
CA ASN A 134 7.10 14.30 -23.28
C ASN A 134 7.72 14.52 -21.92
N TRP A 135 7.62 13.56 -21.01
CA TRP A 135 8.25 13.71 -19.70
C TRP A 135 9.77 13.67 -19.84
N GLN A 136 10.45 14.62 -19.21
CA GLN A 136 11.90 14.70 -19.27
C GLN A 136 12.49 14.35 -17.91
N PRO A 137 13.33 13.32 -17.81
CA PRO A 137 13.84 12.92 -16.50
C PRO A 137 14.82 13.94 -15.94
N ALA A 138 14.75 14.13 -14.62
CA ALA A 138 15.70 14.98 -13.93
C ALA A 138 16.99 14.26 -13.54
N TRP A 139 16.97 12.93 -13.50
CA TRP A 139 18.12 12.14 -13.12
C TRP A 139 18.21 10.90 -14.00
N ALA A 140 19.42 10.33 -14.07
CA ALA A 140 19.60 9.05 -14.72
C ALA A 140 18.84 7.96 -13.96
N PRO A 141 18.34 6.95 -14.67
CA PRO A 141 17.59 5.88 -13.99
C PRO A 141 18.47 5.13 -13.00
N GLY A 142 17.83 4.66 -11.94
CA GLY A 142 18.49 3.88 -10.90
C GLY A 142 19.42 4.67 -10.00
N THR A 143 19.15 5.96 -9.78
CA THR A 143 20.04 6.79 -8.96
C THR A 143 19.28 7.53 -7.86
N GLN A 144 18.02 7.89 -8.10
CA GLN A 144 17.22 8.66 -7.14
C GLN A 144 15.83 8.07 -7.04
N ARG A 145 15.32 8.00 -5.81
CA ARG A 145 13.97 7.56 -5.54
C ARG A 145 13.09 8.78 -5.35
N LEU A 146 12.00 8.85 -6.12
CA LEU A 146 10.99 9.91 -5.96
C LEU A 146 9.62 9.22 -6.00
N TYR A 147 9.00 9.10 -4.82
CA TYR A 147 7.69 8.46 -4.71
C TYR A 147 6.72 9.04 -5.73
N ALA A 148 6.04 8.16 -6.49
CA ALA A 148 5.27 8.66 -7.63
C ALA A 148 4.21 7.66 -8.06
N ASN A 149 2.97 8.14 -8.16
CA ASN A 149 1.90 7.34 -8.73
C ASN A 149 2.16 7.05 -10.20
N SER A 150 2.73 8.02 -10.93
CA SER A 150 2.97 7.82 -12.36
C SER A 150 4.01 6.76 -12.62
N SER A 151 4.76 6.34 -11.60
CA SER A 151 5.80 5.32 -11.75
C SER A 151 5.20 3.94 -11.48
N ILE A 152 4.82 3.69 -10.23
CA ILE A 152 4.29 2.35 -9.91
C ILE A 152 2.95 2.13 -10.63
N GLY A 153 2.22 3.20 -10.91
CA GLY A 153 0.97 3.05 -11.64
C GLY A 153 1.19 2.46 -13.02
N LEU A 154 2.21 2.96 -13.73
CA LEU A 154 2.52 2.41 -15.02
C LEU A 154 3.06 1.00 -14.91
N PHE A 155 3.86 0.73 -13.89
CA PHE A 155 4.31 -0.65 -13.63
C PHE A 155 3.15 -1.62 -13.59
N GLY A 156 2.14 -1.31 -12.78
CA GLY A 156 1.00 -2.20 -12.67
C GLY A 156 0.30 -2.42 -13.99
N ALA A 157 0.07 -1.35 -14.76
CA ALA A 157 -0.65 -1.50 -16.01
C ALA A 157 0.12 -2.36 -17.02
N LEU A 158 1.46 -2.25 -17.01
CA LEU A 158 2.24 -3.04 -17.97
C LEU A 158 2.48 -4.46 -17.48
N ALA A 159 2.53 -4.67 -16.16
CA ALA A 159 2.84 -6.00 -15.62
C ALA A 159 1.80 -7.03 -15.98
N VAL A 160 0.55 -6.61 -16.21
CA VAL A 160 -0.54 -7.52 -16.53
C VAL A 160 -0.71 -7.74 -18.02
N LYS A 161 0.08 -7.07 -18.86
CA LYS A 161 -0.17 -7.14 -20.29
C LYS A 161 0.04 -8.55 -20.82
N PRO A 162 1.12 -9.23 -20.42
CA PRO A 162 1.31 -10.60 -20.91
C PRO A 162 0.13 -11.53 -20.63
N SER A 163 -0.59 -11.31 -19.54
CA SER A 163 -1.72 -12.17 -19.21
C SER A 163 -2.91 -11.95 -20.15
N GLY A 164 -2.94 -10.85 -20.87
CA GLY A 164 -4.12 -10.49 -21.65
C GLY A 164 -5.29 -9.99 -20.83
N LEU A 165 -5.15 -9.94 -19.51
CA LEU A 165 -6.22 -9.47 -18.64
C LEU A 165 -6.09 -7.98 -18.37
N SER A 166 -7.23 -7.33 -18.15
CA SER A 166 -7.21 -5.99 -17.58
C SER A 166 -6.56 -6.03 -16.20
N PHE A 167 -6.07 -4.86 -15.76
CA PHE A 167 -5.51 -4.79 -14.42
C PHE A 167 -6.53 -5.25 -13.37
N GLU A 168 -7.77 -4.78 -13.49
CA GLU A 168 -8.78 -5.13 -12.50
C GLU A 168 -9.07 -6.62 -12.51
N GLN A 169 -9.14 -7.23 -13.70
CA GLN A 169 -9.42 -8.66 -13.79
C GLN A 169 -8.24 -9.48 -13.28
N ALA A 170 -7.01 -9.06 -13.58
CA ALA A 170 -5.85 -9.75 -13.04
C ALA A 170 -5.86 -9.69 -11.51
N MET A 171 -6.10 -8.52 -10.95
CA MET A 171 -6.08 -8.38 -9.51
C MET A 171 -7.17 -9.24 -8.86
N GLN A 172 -8.37 -9.24 -9.44
N GLN A 172 -8.38 -9.19 -9.41
CA GLN A 172 -9.47 -10.03 -8.86
CA GLN A 172 -9.48 -10.01 -8.90
C GLN A 172 -9.18 -11.52 -8.92
C GLN A 172 -9.11 -11.48 -8.86
N THR A 173 -8.74 -12.02 -10.08
N THR A 173 -8.73 -12.04 -10.00
CA THR A 173 -8.53 -13.45 -10.26
CA THR A 173 -8.57 -13.48 -10.13
C THR A 173 -7.28 -13.97 -9.58
C THR A 173 -7.25 -13.99 -9.56
N ARG A 174 -6.21 -13.17 -9.54
CA ARG A 174 -4.90 -13.65 -9.11
C ARG A 174 -4.54 -13.28 -7.68
N VAL A 175 -5.21 -12.30 -7.08
CA VAL A 175 -4.90 -11.86 -5.72
C VAL A 175 -6.14 -11.88 -4.84
N PHE A 176 -7.19 -11.13 -5.21
CA PHE A 176 -8.32 -10.99 -4.30
C PHE A 176 -8.98 -12.34 -4.07
N GLN A 177 -9.32 -13.06 -5.17
CA GLN A 177 -10.09 -14.29 -5.02
C GLN A 177 -9.32 -15.38 -4.30
N PRO A 178 -8.05 -15.68 -4.65
CA PRO A 178 -7.36 -16.77 -3.94
C PRO A 178 -7.22 -16.51 -2.45
N LEU A 179 -7.10 -15.25 -2.04
CA LEU A 179 -6.94 -14.87 -0.64
C LEU A 179 -8.28 -14.62 0.03
N LYS A 180 -9.38 -14.84 -0.68
CA LYS A 180 -10.72 -14.71 -0.12
C LYS A 180 -10.95 -13.31 0.42
N LEU A 181 -10.42 -12.30 -0.30
CA LEU A 181 -10.71 -10.89 -0.02
C LEU A 181 -11.97 -10.53 -0.80
N ASN A 182 -13.13 -10.97 -0.27
CA ASN A 182 -14.37 -10.91 -1.00
C ASN A 182 -15.13 -9.61 -0.78
N HIS A 183 -14.58 -8.70 0.03
CA HIS A 183 -15.11 -7.36 0.23
C HIS A 183 -14.01 -6.34 0.04
N THR A 184 -13.23 -6.54 -1.04
CA THR A 184 -12.16 -5.66 -1.47
C THR A 184 -12.41 -5.35 -2.93
N TRP A 185 -12.39 -4.07 -3.28
CA TRP A 185 -12.87 -3.64 -4.58
C TRP A 185 -12.03 -2.54 -5.17
N ILE A 186 -11.77 -2.64 -6.48
CA ILE A 186 -11.29 -1.48 -7.24
C ILE A 186 -12.46 -0.58 -7.59
N ASN A 187 -13.60 -1.18 -7.95
CA ASN A 187 -14.84 -0.46 -8.22
C ASN A 187 -15.92 -1.05 -7.32
N VAL A 188 -16.45 -0.24 -6.43
CA VAL A 188 -17.45 -0.69 -5.45
C VAL A 188 -18.73 -1.00 -6.20
N PRO A 189 -19.24 -2.23 -6.13
CA PRO A 189 -20.49 -2.55 -6.85
C PRO A 189 -21.69 -1.86 -6.21
N PRO A 190 -22.76 -1.66 -6.98
CA PRO A 190 -23.95 -0.99 -6.43
C PRO A 190 -24.46 -1.62 -5.14
N ALA A 191 -24.44 -2.95 -5.04
CA ALA A 191 -24.97 -3.63 -3.87
C ALA A 191 -24.11 -3.45 -2.62
N GLU A 192 -22.88 -2.97 -2.76
CA GLU A 192 -22.00 -2.75 -1.62
C GLU A 192 -21.88 -1.29 -1.21
N GLU A 193 -22.47 -0.37 -2.00
CA GLU A 193 -22.37 1.06 -1.68
C GLU A 193 -22.86 1.36 -0.27
N LYS A 194 -23.82 0.59 0.24
CA LYS A 194 -24.33 0.80 1.58
C LYS A 194 -23.26 0.66 2.64
N ASN A 195 -22.15 0.00 2.34
CA ASN A 195 -21.06 -0.15 3.28
C ASN A 195 -19.90 0.77 3.02
N TYR A 196 -19.99 1.61 1.99
CA TYR A 196 -18.88 2.47 1.59
C TYR A 196 -18.92 3.72 2.48
N ALA A 197 -17.98 3.80 3.41
CA ALA A 197 -17.89 5.00 4.24
C ALA A 197 -17.63 6.24 3.39
N TRP A 198 -18.08 7.38 3.91
CA TRP A 198 -17.69 8.66 3.36
C TRP A 198 -16.39 9.13 4.01
N GLY A 199 -15.51 9.70 3.20
CA GLY A 199 -14.38 10.42 3.74
C GLY A 199 -14.76 11.84 4.08
N TYR A 200 -14.01 12.45 4.99
CA TYR A 200 -14.33 13.80 5.44
C TYR A 200 -13.12 14.71 5.31
N ARG A 201 -13.27 15.76 4.50
CA ARG A 201 -12.25 16.77 4.27
C ARG A 201 -12.88 18.12 4.57
N GLU A 202 -12.32 18.83 5.55
CA GLU A 202 -12.86 20.12 5.95
C GLU A 202 -14.37 20.03 6.21
N GLY A 203 -14.77 18.94 6.87
CA GLY A 203 -16.15 18.74 7.26
C GLY A 203 -17.10 18.28 6.16
N LYS A 204 -16.61 18.09 4.95
CA LYS A 204 -17.44 17.72 3.81
C LYS A 204 -17.21 16.27 3.44
N ALA A 205 -18.30 15.56 3.12
CA ALA A 205 -18.22 14.15 2.75
C ALA A 205 -17.72 14.03 1.30
N VAL A 206 -16.72 13.20 1.10
CA VAL A 206 -16.05 13.06 -0.18
C VAL A 206 -15.63 11.62 -0.45
N HIS A 207 -15.62 11.25 -1.74
CA HIS A 207 -15.05 10.02 -2.23
C HIS A 207 -14.01 10.34 -3.29
N VAL A 208 -13.04 9.44 -3.44
CA VAL A 208 -11.98 9.64 -4.42
C VAL A 208 -12.58 9.72 -5.82
N SER A 209 -12.03 10.58 -6.64
CA SER A 209 -12.54 10.77 -7.99
C SER A 209 -11.70 9.99 -8.99
N PRO A 210 -12.27 9.65 -10.15
CA PRO A 210 -11.52 8.85 -11.11
C PRO A 210 -10.28 9.60 -11.62
N GLY A 211 -9.25 8.83 -11.92
CA GLY A 211 -8.05 9.39 -12.49
C GLY A 211 -7.25 8.33 -13.21
N ALA A 212 -6.40 8.78 -14.11
CA ALA A 212 -5.54 7.85 -14.85
C ALA A 212 -4.71 7.00 -13.90
N LEU A 213 -4.73 5.68 -14.13
CA LEU A 213 -3.94 4.71 -13.37
C LEU A 213 -4.31 4.69 -11.89
N ASP A 214 -5.55 5.07 -11.59
CA ASP A 214 -5.98 5.10 -10.21
C ASP A 214 -6.05 3.70 -9.61
N ALA A 215 -6.57 2.72 -10.36
CA ALA A 215 -6.68 1.38 -9.81
C ALA A 215 -5.31 0.86 -9.36
N GLU A 216 -4.27 1.16 -10.14
CA GLU A 216 -2.92 0.68 -9.87
C GLU A 216 -2.26 1.41 -8.71
N ALA A 217 -2.57 2.68 -8.53
CA ALA A 217 -1.81 3.52 -7.60
C ALA A 217 -2.56 3.79 -6.30
N TYR A 218 -3.90 3.94 -6.33
CA TYR A 218 -4.57 4.40 -5.11
C TYR A 218 -6.06 4.08 -5.03
N GLY A 219 -6.56 3.13 -5.81
CA GLY A 219 -7.99 2.99 -6.01
C GLY A 219 -8.71 1.89 -5.29
N VAL A 220 -8.02 1.12 -4.40
CA VAL A 220 -8.67 -0.02 -3.74
C VAL A 220 -9.43 0.46 -2.50
N LYS A 221 -10.61 -0.13 -2.29
CA LYS A 221 -11.40 0.02 -1.08
C LYS A 221 -11.56 -1.35 -0.42
N SER A 222 -11.50 -1.38 0.93
CA SER A 222 -11.53 -2.67 1.61
C SER A 222 -12.06 -2.49 3.04
N THR A 223 -12.41 -3.63 3.65
CA THR A 223 -12.89 -3.66 5.02
C THR A 223 -11.72 -3.96 5.96
N ILE A 224 -11.97 -3.75 7.25
CA ILE A 224 -10.94 -4.06 8.24
C ILE A 224 -10.68 -5.57 8.30
N GLU A 225 -11.68 -6.39 8.03
CA GLU A 225 -11.50 -7.83 8.07
C GLU A 225 -10.66 -8.30 6.88
N ASP A 226 -10.96 -7.79 5.67
CA ASP A 226 -10.14 -8.19 4.52
C ASP A 226 -8.71 -7.68 4.65
N MET A 227 -8.52 -6.48 5.22
CA MET A 227 -7.18 -5.95 5.41
C MET A 227 -6.42 -6.73 6.48
N ALA A 228 -7.11 -7.25 7.50
CA ALA A 228 -6.41 -8.13 8.45
C ALA A 228 -5.94 -9.39 7.74
N ARG A 229 -6.79 -9.94 6.84
CA ARG A 229 -6.42 -11.12 6.07
C ARG A 229 -5.27 -10.84 5.11
N TRP A 230 -5.24 -9.62 4.53
CA TRP A 230 -4.10 -9.22 3.73
C TRP A 230 -2.84 -9.22 4.56
N VAL A 231 -2.88 -8.67 5.78
CA VAL A 231 -1.70 -8.69 6.64
C VAL A 231 -1.30 -10.13 6.97
N GLN A 232 -2.27 -10.98 7.32
CA GLN A 232 -1.95 -12.37 7.60
C GLN A 232 -1.27 -13.03 6.41
N SER A 233 -1.73 -12.74 5.21
CA SER A 233 -1.15 -13.33 4.00
C SER A 233 0.30 -12.90 3.79
N ASN A 234 0.61 -11.65 4.13
CA ASN A 234 1.95 -11.10 3.97
C ASN A 234 2.85 -11.48 5.14
N LEU A 235 2.26 -11.79 6.28
CA LEU A 235 3.01 -12.34 7.42
C LEU A 235 3.42 -13.80 7.19
N LYS A 236 2.56 -14.58 6.53
N LYS A 236 2.54 -14.60 6.57
CA LYS A 236 2.70 -16.03 6.42
CA LYS A 236 2.75 -16.05 6.42
C LYS A 236 2.50 -16.47 4.98
C LYS A 236 2.50 -16.45 4.98
N PRO A 237 3.41 -16.09 4.08
CA PRO A 237 3.24 -16.47 2.66
C PRO A 237 3.18 -17.97 2.44
N LEU A 238 3.82 -18.78 3.30
CA LEU A 238 3.82 -20.21 3.06
C LEU A 238 2.45 -20.84 3.28
N ASP A 239 1.52 -20.13 3.95
CA ASP A 239 0.16 -20.63 4.09
C ASP A 239 -0.67 -20.47 2.82
N ILE A 240 -0.18 -19.71 1.85
CA ILE A 240 -0.88 -19.52 0.57
C ILE A 240 -0.57 -20.71 -0.34
N ASN A 241 -1.62 -21.39 -0.80
CA ASN A 241 -1.46 -22.62 -1.56
C ASN A 241 -1.08 -22.38 -3.02
N GLU A 242 -1.41 -21.22 -3.57
CA GLU A 242 -1.02 -20.88 -4.94
C GLU A 242 0.44 -20.46 -4.94
N LYS A 243 1.30 -21.27 -5.57
N LYS A 243 1.30 -21.27 -5.57
CA LYS A 243 2.74 -21.04 -5.48
CA LYS A 243 2.74 -21.04 -5.48
C LYS A 243 3.14 -19.67 -6.05
C LYS A 243 3.15 -19.68 -6.05
N THR A 244 2.56 -19.27 -7.19
CA THR A 244 2.99 -17.99 -7.79
C THR A 244 2.61 -16.80 -6.90
N LEU A 245 1.51 -16.90 -6.14
CA LEU A 245 1.08 -15.83 -5.25
C LEU A 245 1.91 -15.82 -3.96
N GLN A 246 2.17 -17.01 -3.42
CA GLN A 246 3.14 -17.18 -2.34
C GLN A 246 4.47 -16.52 -2.69
N GLN A 247 5.00 -16.84 -3.87
CA GLN A 247 6.25 -16.25 -4.30
C GLN A 247 6.10 -14.76 -4.61
N GLY A 248 4.96 -14.35 -5.16
CA GLY A 248 4.75 -12.92 -5.42
C GLY A 248 4.77 -12.08 -4.15
N ILE A 249 4.14 -12.58 -3.10
CA ILE A 249 4.18 -11.91 -1.79
C ILE A 249 5.62 -11.80 -1.31
N GLN A 250 6.38 -12.91 -1.39
CA GLN A 250 7.77 -12.88 -0.96
C GLN A 250 8.58 -11.86 -1.76
N LEU A 251 8.41 -11.84 -3.09
CA LEU A 251 9.17 -10.91 -3.93
C LEU A 251 8.81 -9.44 -3.62
N ALA A 252 7.58 -9.15 -3.17
CA ALA A 252 7.22 -7.76 -2.88
C ALA A 252 7.93 -7.28 -1.62
N GLN A 253 8.39 -8.19 -0.76
CA GLN A 253 9.17 -7.85 0.43
C GLN A 253 10.67 -8.02 0.21
N SER A 254 11.11 -8.34 -1.01
CA SER A 254 12.53 -8.28 -1.30
C SER A 254 13.01 -6.84 -1.20
N ARG A 255 14.29 -6.66 -0.91
CA ARG A 255 14.86 -5.32 -0.75
C ARG A 255 15.64 -4.99 -2.01
N TYR A 256 15.15 -4.01 -2.78
CA TYR A 256 15.72 -3.67 -4.08
C TYR A 256 16.64 -2.44 -4.05
N TRP A 257 16.39 -1.53 -3.13
CA TRP A 257 17.11 -0.27 -2.98
C TRP A 257 17.16 0.05 -1.50
N GLN A 258 18.21 0.78 -1.10
CA GLN A 258 18.30 1.29 0.27
C GLN A 258 18.57 2.79 0.22
N THR A 259 17.91 3.53 1.08
CA THR A 259 18.26 4.93 1.32
C THR A 259 18.12 5.18 2.81
N GLY A 260 19.20 5.62 3.46
CA GLY A 260 19.18 5.71 4.92
C GLY A 260 18.94 4.32 5.49
N ASP A 261 18.05 4.24 6.47
CA ASP A 261 17.68 2.97 7.07
C ASP A 261 16.43 2.36 6.44
N MET A 262 15.98 2.86 5.29
CA MET A 262 14.80 2.34 4.64
C MET A 262 15.14 1.52 3.39
N TYR A 263 14.37 0.46 3.16
CA TYR A 263 14.49 -0.38 1.98
C TYR A 263 13.21 -0.34 1.15
N GLN A 264 13.35 -0.33 -0.17
CA GLN A 264 12.21 -0.29 -1.06
C GLN A 264 11.90 -1.70 -1.58
N GLY A 265 10.66 -2.15 -1.34
CA GLY A 265 10.13 -3.35 -1.91
C GLY A 265 9.30 -3.04 -3.15
N LEU A 266 8.39 -3.94 -3.47
CA LEU A 266 7.40 -3.71 -4.53
C LEU A 266 6.12 -3.31 -3.80
N GLY A 267 5.90 -2.00 -3.72
CA GLY A 267 4.78 -1.47 -2.95
C GLY A 267 5.13 -1.32 -1.48
N TRP A 268 5.41 -2.45 -0.83
CA TRP A 268 5.87 -2.41 0.54
C TRP A 268 7.19 -1.66 0.68
N GLU A 269 7.38 -1.04 1.84
CA GLU A 269 8.66 -0.52 2.31
C GLU A 269 9.04 -1.24 3.60
N MET A 270 10.35 -1.38 3.84
CA MET A 270 10.81 -2.19 4.98
C MET A 270 11.97 -1.52 5.69
N LEU A 271 12.08 -1.82 6.99
CA LEU A 271 13.27 -1.46 7.77
C LEU A 271 13.64 -2.70 8.60
N ASP A 272 14.90 -2.78 9.02
CA ASP A 272 15.32 -3.85 9.91
C ASP A 272 14.63 -3.72 11.27
N TRP A 273 14.21 -4.87 11.83
CA TRP A 273 13.65 -4.92 13.16
C TRP A 273 14.70 -5.50 14.11
N PRO A 274 14.93 -4.88 15.30
CA PRO A 274 14.21 -3.75 15.86
C PRO A 274 14.48 -2.42 15.16
N VAL A 275 13.43 -1.63 15.03
CA VAL A 275 13.48 -0.37 14.29
C VAL A 275 13.63 0.78 15.28
N ASN A 276 14.29 1.85 14.84
CA ASN A 276 14.31 3.10 15.56
C ASN A 276 12.97 3.76 15.32
N PRO A 277 12.10 3.90 16.34
CA PRO A 277 10.77 4.46 16.06
C PRO A 277 10.80 5.87 15.51
N ASP A 278 11.76 6.70 15.89
CA ASP A 278 11.76 8.07 15.39
C ASP A 278 12.03 8.10 13.89
N SER A 279 12.74 7.10 13.36
N SER A 279 12.81 7.12 13.40
CA SER A 279 13.02 7.11 11.94
CA SER A 279 13.05 7.00 11.96
C SER A 279 11.77 6.77 11.11
C SER A 279 11.73 6.85 11.21
N ILE A 280 10.93 5.85 11.60
CA ILE A 280 9.72 5.53 10.84
C ILE A 280 8.69 6.62 11.04
N ILE A 281 8.64 7.22 12.25
CA ILE A 281 7.70 8.31 12.47
C ILE A 281 8.11 9.53 11.64
N ASN A 282 9.35 9.98 11.80
CA ASN A 282 9.81 11.18 11.11
C ASN A 282 9.82 10.95 9.60
N GLY A 283 10.21 9.74 9.17
CA GLY A 283 10.30 9.49 7.74
C GLY A 283 8.95 9.40 7.05
N SER A 284 7.87 9.23 7.80
CA SER A 284 6.53 9.20 7.23
C SER A 284 5.97 10.57 6.92
N ASP A 285 6.54 11.62 7.47
CA ASP A 285 6.11 12.97 7.14
C ASP A 285 6.26 13.20 5.64
N ASN A 286 5.22 13.78 5.04
CA ASN A 286 5.27 13.96 3.58
C ASN A 286 6.43 14.82 3.13
N LYS A 287 6.94 15.73 3.97
CA LYS A 287 8.11 16.51 3.58
C LYS A 287 9.30 15.61 3.30
N ILE A 288 9.38 14.45 3.95
CA ILE A 288 10.43 13.45 3.67
C ILE A 288 9.95 12.39 2.69
N ALA A 289 8.78 11.86 2.93
CA ALA A 289 8.28 10.73 2.14
C ALA A 289 8.15 11.06 0.66
N LEU A 290 7.90 12.33 0.35
CA LEU A 290 7.71 12.76 -1.04
C LEU A 290 8.97 13.36 -1.64
N ALA A 291 10.06 13.44 -0.89
CA ALA A 291 11.29 14.07 -1.38
C ALA A 291 12.16 13.11 -2.17
N ALA A 292 12.91 13.66 -3.12
CA ALA A 292 13.89 12.89 -3.86
C ALA A 292 15.08 12.58 -2.96
N ARG A 293 15.54 11.33 -2.99
CA ARG A 293 16.62 10.86 -2.15
C ARG A 293 17.46 9.87 -2.92
N PRO A 294 18.79 9.97 -2.81
CA PRO A 294 19.67 8.99 -3.51
C PRO A 294 19.45 7.58 -3.00
N VAL A 295 19.51 6.61 -3.92
CA VAL A 295 19.35 5.21 -3.55
C VAL A 295 20.60 4.43 -3.95
N LYS A 296 20.88 3.39 -3.18
CA LYS A 296 21.91 2.41 -3.49
C LYS A 296 21.25 1.10 -3.86
N ALA A 297 21.67 0.50 -4.97
CA ALA A 297 21.07 -0.73 -5.43
C ALA A 297 21.51 -1.89 -4.55
N ILE A 298 20.62 -2.88 -4.41
CA ILE A 298 20.92 -4.14 -3.75
C ILE A 298 20.83 -5.22 -4.82
N THR A 299 21.97 -5.77 -5.22
CA THR A 299 22.06 -6.73 -6.32
C THR A 299 22.80 -7.97 -5.86
N PRO A 300 22.13 -9.14 -5.79
CA PRO A 300 20.70 -9.34 -6.07
C PRO A 300 19.84 -8.76 -4.95
N PRO A 301 18.56 -8.51 -5.20
CA PRO A 301 17.68 -8.05 -4.11
C PRO A 301 17.73 -9.01 -2.92
N THR A 302 17.72 -8.46 -1.73
CA THR A 302 17.72 -9.28 -0.54
C THR A 302 16.41 -10.03 -0.44
N PRO A 303 16.38 -11.36 -0.38
CA PRO A 303 15.12 -12.06 -0.13
C PRO A 303 14.48 -11.60 1.19
N ALA A 304 13.15 -11.59 1.20
CA ALA A 304 12.37 -11.08 2.33
C ALA A 304 12.98 -11.47 3.66
N VAL A 305 13.24 -10.45 4.47
CA VAL A 305 13.88 -10.63 5.77
C VAL A 305 12.78 -10.70 6.82
N ARG A 306 12.75 -11.80 7.58
CA ARG A 306 11.64 -11.97 8.52
C ARG A 306 11.72 -10.95 9.66
N ALA A 307 12.94 -10.59 10.08
CA ALA A 307 13.13 -9.56 11.10
C ALA A 307 13.09 -8.18 10.46
N SER A 308 11.88 -7.81 9.98
CA SER A 308 11.63 -6.52 9.34
C SER A 308 10.38 -5.88 9.93
N TRP A 309 10.38 -4.54 9.95
CA TRP A 309 9.18 -3.73 10.04
C TRP A 309 8.77 -3.43 8.61
N VAL A 310 7.63 -3.99 8.17
CA VAL A 310 7.11 -3.86 6.80
C VAL A 310 5.87 -2.98 6.88
N HIS A 311 5.77 -1.95 6.04
CA HIS A 311 4.64 -1.02 6.21
C HIS A 311 4.36 -0.22 4.95
N LYS A 312 3.22 0.48 4.98
CA LYS A 312 2.81 1.39 3.96
C LYS A 312 1.73 2.34 4.50
N THR A 313 1.92 3.64 4.23
CA THR A 313 0.91 4.66 4.48
C THR A 313 0.03 4.85 3.23
N GLY A 314 -1.19 5.35 3.44
CA GLY A 314 -2.04 5.70 2.31
C GLY A 314 -2.97 6.84 2.66
N ALA A 315 -3.28 7.62 1.64
CA ALA A 315 -4.20 8.75 1.80
C ALA A 315 -5.00 8.97 0.53
N THR A 316 -6.24 9.42 0.70
CA THR A 316 -7.02 10.08 -0.33
C THR A 316 -7.49 11.40 0.27
N GLY A 317 -8.29 12.15 -0.50
CA GLY A 317 -8.81 13.40 0.04
C GLY A 317 -9.45 13.24 1.41
N GLY A 318 -10.20 12.17 1.61
CA GLY A 318 -10.98 12.03 2.81
C GLY A 318 -10.61 10.87 3.74
N PHE A 319 -9.52 10.14 3.43
CA PHE A 319 -9.19 8.92 4.17
C PHE A 319 -7.71 8.87 4.47
N GLY A 320 -7.38 8.22 5.58
CA GLY A 320 -6.00 7.98 5.95
C GLY A 320 -5.84 6.56 6.48
N SER A 321 -4.90 5.81 5.90
N SER A 321 -4.91 5.81 5.88
CA SER A 321 -4.70 4.41 6.22
CA SER A 321 -4.69 4.41 6.18
C SER A 321 -3.25 4.15 6.56
C SER A 321 -3.25 4.16 6.58
N TYR A 322 -3.04 3.08 7.31
CA TYR A 322 -1.68 2.64 7.64
C TYR A 322 -1.72 1.15 7.92
N VAL A 323 -0.71 0.42 7.39
N VAL A 323 -0.70 0.44 7.44
CA VAL A 323 -0.53 -1.02 7.63
CA VAL A 323 -0.54 -1.00 7.67
C VAL A 323 0.92 -1.22 8.03
C VAL A 323 0.92 -1.26 8.00
N ALA A 324 1.17 -2.00 9.08
CA ALA A 324 2.53 -2.38 9.48
C ALA A 324 2.51 -3.77 10.06
N PHE A 325 3.59 -4.53 9.79
CA PHE A 325 3.69 -5.87 10.35
C PHE A 325 5.15 -6.31 10.44
N ILE A 326 5.38 -7.30 11.30
CA ILE A 326 6.72 -7.80 11.67
C ILE A 326 6.68 -9.32 11.51
N PRO A 327 7.10 -9.87 10.35
CA PRO A 327 6.94 -11.33 10.14
C PRO A 327 7.50 -12.19 11.25
N GLU A 328 8.69 -11.87 11.75
N GLU A 328 8.71 -11.88 11.73
CA GLU A 328 9.32 -12.69 12.79
CA GLU A 328 9.33 -12.68 12.78
C GLU A 328 8.42 -12.87 14.01
C GLU A 328 8.45 -12.78 14.02
N LYS A 329 7.58 -11.88 14.32
N LYS A 329 7.70 -11.72 14.35
CA LYS A 329 6.77 -11.91 15.53
CA LYS A 329 6.96 -11.64 15.59
C LYS A 329 5.32 -12.30 15.26
C LYS A 329 5.49 -11.99 15.43
N GLU A 330 4.94 -12.50 13.99
N GLU A 330 5.04 -12.36 14.23
CA GLU A 330 3.54 -12.69 13.61
CA GLU A 330 3.64 -12.71 13.98
C GLU A 330 2.66 -11.61 14.26
C GLU A 330 2.71 -11.57 14.38
N LEU A 331 3.06 -10.36 14.02
N LEU A 331 3.24 -10.35 14.35
CA LEU A 331 2.53 -9.20 14.72
CA LEU A 331 2.55 -9.15 14.77
C LEU A 331 2.29 -8.10 13.71
C LEU A 331 2.17 -8.28 13.58
N GLY A 332 1.10 -7.51 13.75
CA GLY A 332 0.76 -6.47 12.78
C GLY A 332 -0.41 -5.63 13.20
N ILE A 333 -0.64 -4.57 12.44
CA ILE A 333 -1.75 -3.65 12.67
C ILE A 333 -2.24 -3.04 11.36
N VAL A 334 -3.56 -2.83 11.29
CA VAL A 334 -4.21 -2.10 10.21
C VAL A 334 -5.00 -0.98 10.86
N MET A 335 -4.81 0.25 10.39
CA MET A 335 -5.53 1.45 10.88
C MET A 335 -6.21 2.14 9.69
N LEU A 336 -7.54 2.10 9.66
CA LEU A 336 -8.34 2.69 8.57
C LEU A 336 -9.20 3.80 9.17
N ALA A 337 -9.07 5.02 8.66
CA ALA A 337 -9.82 6.19 9.11
C ALA A 337 -10.39 6.94 7.92
N ASN A 338 -11.57 7.55 8.13
CA ASN A 338 -12.23 8.38 7.12
C ASN A 338 -11.96 9.87 7.37
N LYS A 339 -10.71 10.17 7.74
CA LYS A 339 -10.14 11.52 7.61
C LYS A 339 -8.66 11.31 7.28
N ASN A 340 -8.12 12.17 6.40
CA ASN A 340 -6.70 12.15 6.08
C ASN A 340 -5.99 12.99 7.14
N TYR A 341 -5.40 12.34 8.14
CA TYR A 341 -4.69 13.01 9.22
C TYR A 341 -3.19 12.65 9.12
N PRO A 342 -2.31 13.42 9.74
CA PRO A 342 -0.88 13.34 9.41
C PRO A 342 -0.26 11.96 9.64
N ASN A 343 0.57 11.55 8.69
CA ASN A 343 1.20 10.23 8.78
C ASN A 343 1.96 10.03 10.09
N PRO A 344 2.76 10.97 10.59
CA PRO A 344 3.51 10.68 11.83
C PRO A 344 2.64 10.30 12.99
N ALA A 345 1.43 10.84 13.07
CA ALA A 345 0.52 10.41 14.14
C ALA A 345 0.07 8.97 13.97
N ARG A 346 -0.09 8.52 12.72
CA ARG A 346 -0.48 7.14 12.44
C ARG A 346 0.63 6.20 12.88
N VAL A 347 1.86 6.51 12.48
CA VAL A 347 2.98 5.62 12.70
C VAL A 347 3.29 5.55 14.19
N ASP A 348 3.28 6.71 14.85
N ASP A 348 3.26 6.70 14.86
CA ASP A 348 3.51 6.72 16.31
CA ASP A 348 3.52 6.70 16.30
C ASP A 348 2.50 5.82 17.03
C ASP A 348 2.51 5.83 17.04
N ALA A 349 1.22 5.94 16.68
CA ALA A 349 0.20 5.11 17.33
C ALA A 349 0.45 3.63 17.07
N ALA A 350 0.79 3.28 15.82
CA ALA A 350 1.06 1.90 15.48
C ALA A 350 2.25 1.36 16.26
N TRP A 351 3.31 2.16 16.39
N TRP A 351 3.32 2.16 16.36
CA TRP A 351 4.48 1.66 17.11
CA TRP A 351 4.49 1.76 17.12
C TRP A 351 4.19 1.52 18.61
C TRP A 351 4.13 1.50 18.57
N GLN A 352 3.41 2.43 19.19
CA GLN A 352 3.07 2.29 20.62
C GLN A 352 2.36 0.96 20.84
N ILE A 353 1.48 0.57 19.91
CA ILE A 353 0.73 -0.67 20.08
C ILE A 353 1.62 -1.89 19.90
N LEU A 354 2.30 -1.98 18.75
CA LEU A 354 3.10 -3.17 18.49
C LEU A 354 4.26 -3.28 19.44
N ASN A 355 4.86 -2.15 19.85
CA ASN A 355 5.95 -2.21 20.83
C ASN A 355 5.45 -2.80 22.17
N ALA A 356 4.23 -2.44 22.57
CA ALA A 356 3.65 -2.95 23.81
C ALA A 356 3.38 -4.45 23.76
N LEU A 357 3.20 -5.01 22.57
CA LEU A 357 2.80 -6.40 22.41
C LEU A 357 3.93 -7.31 21.94
N GLN A 358 5.13 -6.80 21.72
N GLN A 358 5.12 -6.79 21.72
CA GLN A 358 6.23 -7.63 21.21
CA GLN A 358 6.25 -7.61 21.27
C GLN A 358 6.74 -8.56 22.30
C GLN A 358 6.77 -8.46 22.43
B02 KL8 B . -0.86 7.65 -1.72
C04 KL8 B . -1.36 8.88 -2.59
C06 KL8 B . -2.83 10.24 -4.75
C07 KL8 B . -4.32 10.54 -4.86
C08 KL8 B . -5.23 10.13 -3.89
C09 KL8 B . -6.58 10.45 -4.03
C10 KL8 B . -7.02 11.19 -5.14
C11 KL8 B . -6.11 11.61 -6.11
C12 KL8 B . -4.76 11.29 -5.97
C13 KL8 B . -0.23 9.82 -2.96
C14 KL8 B . 0.36 10.28 -1.60
C15 KL8 B . 0.59 9.25 -0.68
C16 KL8 B . 1.11 9.54 0.59
C17 KL8 B . 1.36 8.36 1.56
C20 KL8 B . 1.37 10.86 0.95
C21 KL8 B . 1.12 11.89 0.02
C22 KL8 B . 0.61 11.59 -1.27
O01 KL8 B . -1.86 7.57 -0.80
O18 KL8 B . 2.15 7.44 1.22
O19 KL8 B . 0.81 8.35 2.66
O23 KL8 B . 0.32 7.89 -1.07
S05 KL8 B . -2.37 8.56 -4.07
C1 PEG C . -1.47 2.21 -19.92
O1 PEG C . -2.42 1.20 -19.83
C2 PEG C . -0.38 1.81 -20.92
O2 PEG C . -0.96 1.13 -22.00
C3 PEG C . -0.03 0.56 -22.88
C4 PEG C . -0.77 -0.23 -23.95
O4 PEG C . -1.72 0.60 -24.56
S DMS D . 8.93 7.86 19.83
O DMS D . 7.48 7.50 19.82
C1 DMS D . 9.77 6.97 21.17
C2 DMS D . 9.13 9.57 20.40
C1 EDO E . 9.70 12.79 20.62
O1 EDO E . 8.52 13.56 20.36
C2 EDO E . 10.88 13.73 20.89
O2 EDO E . 12.01 12.96 21.31
C1 PEG F . -19.51 -4.33 13.98
O1 PEG F . -18.74 -5.23 13.24
C2 PEG F . -19.19 -4.44 15.47
O2 PEG F . -18.45 -3.31 15.86
C3 PEG F . -17.40 -3.58 16.75
C4 PEG F . -16.22 -4.15 16.00
O4 PEG F . -15.22 -4.52 16.91
C1 EDO G . -4.40 16.91 8.20
O1 EDO G . -4.06 17.61 9.41
C2 EDO G . -3.14 16.31 7.58
O2 EDO G . -3.43 15.87 6.26
CL CL H . -7.41 5.70 29.75
ZN ZN I . -9.21 6.40 28.52
#